data_1IQI
#
_entry.id   1IQI
#
_cell.length_a   72.360
_cell.length_b   78.230
_cell.length_c   56.320
_cell.angle_alpha   90.00
_cell.angle_beta   90.00
_cell.angle_gamma   90.00
#
_symmetry.space_group_name_H-M   'P 21 21 21'
#
loop_
_entity.id
_entity.type
_entity.pdbx_description
1 polymer 'coagulation Factor Xa'
2 polymer 'coagulation Factor Xa'
3 non-polymer 'CALCIUM ION'
4 non-polymer '4-[(6-CHLORO-2-NAPHTHALENYL)SULFONYL]-1-[[1-(4-PYRIDINYL)-4-PIPERIDINYL] METHYL]-2-PIPERAZINECARBOXYLIC ACID'
#
loop_
_entity_poly.entity_id
_entity_poly.type
_entity_poly.pdbx_seq_one_letter_code
_entity_poly.pdbx_strand_id
1 'polypeptide(L)'
;IVGGQECKDGECPWQALLINEENEGFCGGTILSEFYILTAAHCLYQAKRFKVRVGDRNTEQEEGGEAVHEVEVVIKHNRF
TKETYDFDIAVLRLKTPITFRMNVAPACLPERDWAESTLMTQKTGIVSGFGRTHEKGRQSTRLKMLEVPYVDRNSCKLSS
SFIITQNMFCAGYDTKQEDACQGDSGGPHVTRFKDTYFVTGIVSWGEGCARKGKYGIYTKVTAFLKWIDRSMKTR
;
A
2 'polypeptide(L)'
;YKDGDQCETSPCQNQGKCKDGLGEYTCTCLEGFEGKNCELFTRKLCSLDNGDCDQFCHEEQNSVVCSCARGYTLADNGKA
CIPTGPYPCGKQTLER
;
L
#
loop_
_chem_comp.id
_chem_comp.type
_chem_comp.name
_chem_comp.formula
CA non-polymer 'CALCIUM ION' 'Ca 2'
XMG non-polymer '4-[(6-CHLORO-2-NAPHTHALENYL)SULFONYL]-1-[[1-(4-PYRIDINYL)-4-PIPERIDINYL] METHYL]-2-PIPERAZINECARBOXYLIC ACID' 'C26 H29 Cl N4 O4 S'
#
# COMPACT_ATOMS: atom_id res chain seq x y z
N ILE A 1 -8.45 -8.01 8.93
CA ILE A 1 -9.27 -7.80 7.71
C ILE A 1 -10.61 -8.52 7.82
N VAL A 2 -11.69 -7.76 8.05
CA VAL A 2 -13.00 -8.38 8.13
C VAL A 2 -13.29 -8.81 6.70
N GLY A 3 -13.84 -10.01 6.54
CA GLY A 3 -14.16 -10.49 5.21
C GLY A 3 -12.96 -10.70 4.29
N GLY A 4 -13.09 -10.23 3.07
CA GLY A 4 -12.03 -10.37 2.10
C GLY A 4 -11.74 -11.80 1.72
N GLN A 5 -10.62 -12.00 1.03
CA GLN A 5 -10.19 -13.32 0.59
C GLN A 5 -8.88 -13.66 1.30
N GLU A 6 -8.19 -14.68 0.76
CA GLU A 6 -6.91 -15.10 1.32
C GLU A 6 -5.87 -14.85 0.22
N CYS A 7 -4.73 -14.27 0.60
CA CYS A 7 -3.70 -14.00 -0.39
C CYS A 7 -3.08 -15.32 -0.84
N LYS A 8 -3.19 -15.63 -2.13
CA LYS A 8 -2.64 -16.86 -2.65
C LYS A 8 -1.18 -16.72 -3.06
N ASP A 9 -0.50 -17.85 -3.24
CA ASP A 9 0.91 -17.86 -3.58
C ASP A 9 1.35 -16.74 -4.51
N GLY A 10 2.23 -15.88 -4.00
CA GLY A 10 2.74 -14.77 -4.78
C GLY A 10 1.68 -13.82 -5.30
N GLU A 11 0.55 -13.75 -4.61
CA GLU A 11 -0.56 -12.89 -5.00
C GLU A 11 -0.45 -11.50 -4.36
N CYS A 12 0.07 -11.43 -3.14
CA CYS A 12 0.23 -10.15 -2.43
C CYS A 12 1.69 -10.00 -2.05
N PRO A 13 2.59 -10.11 -3.01
CA PRO A 13 4.04 -10.00 -2.83
C PRO A 13 4.66 -8.75 -2.21
N TRP A 14 3.89 -7.69 -2.07
CA TRP A 14 4.42 -6.44 -1.51
C TRP A 14 4.09 -6.24 -0.03
N GLN A 15 3.31 -7.16 0.53
CA GLN A 15 2.93 -7.11 1.93
C GLN A 15 4.16 -7.15 2.81
N ALA A 16 4.05 -6.65 4.03
CA ALA A 16 5.16 -6.67 4.95
C ALA A 16 4.56 -6.62 6.33
N LEU A 17 5.30 -7.12 7.31
CA LEU A 17 4.79 -7.17 8.67
C LEU A 17 5.83 -6.69 9.67
N LEU A 18 5.43 -5.74 10.51
CA LEU A 18 6.32 -5.23 11.54
C LEU A 18 6.02 -6.08 12.75
N ILE A 19 7.04 -6.81 13.20
CA ILE A 19 6.92 -7.69 14.35
C ILE A 19 7.67 -7.10 15.54
N ASN A 20 7.09 -7.22 16.72
CA ASN A 20 7.70 -6.69 17.93
C ASN A 20 8.82 -7.63 18.36
N GLU A 21 9.43 -7.33 19.52
CA GLU A 21 10.52 -8.15 20.05
C GLU A 21 10.03 -9.51 20.50
N GLU A 22 8.78 -9.57 20.96
CA GLU A 22 8.23 -10.85 21.38
C GLU A 22 7.88 -11.62 20.11
N ASN A 23 8.34 -11.09 18.97
CA ASN A 23 8.13 -11.70 17.65
C ASN A 23 6.66 -11.69 17.19
N GLU A 24 5.90 -10.70 17.63
CA GLU A 24 4.49 -10.58 17.26
C GLU A 24 4.28 -9.52 16.18
N GLY A 25 3.50 -9.85 15.16
CA GLY A 25 3.23 -8.88 14.12
C GLY A 25 2.18 -7.88 14.59
N PHE A 26 2.59 -6.61 14.74
CA PHE A 26 1.64 -5.59 15.18
C PHE A 26 1.09 -4.73 14.05
N CYS A 27 1.93 -4.34 13.10
CA CYS A 27 1.48 -3.53 11.96
C CYS A 27 1.82 -4.13 10.60
N GLY A 28 1.57 -3.34 9.56
CA GLY A 28 1.84 -3.76 8.21
C GLY A 28 2.77 -2.80 7.49
N GLY A 29 3.01 -3.08 6.22
CA GLY A 29 3.90 -2.25 5.45
C GLY A 29 3.80 -2.61 3.98
N THR A 30 4.55 -1.91 3.14
CA THR A 30 4.53 -2.15 1.71
C THR A 30 5.95 -2.02 1.20
N ILE A 31 6.39 -3.03 0.45
CA ILE A 31 7.73 -3.05 -0.12
C ILE A 31 7.82 -2.12 -1.34
N LEU A 32 8.67 -1.12 -1.25
CA LEU A 32 8.86 -0.17 -2.35
C LEU A 32 10.07 -0.57 -3.18
N SER A 33 11.04 -1.17 -2.49
CA SER A 33 12.28 -1.62 -3.10
C SER A 33 12.96 -2.68 -2.21
N GLU A 34 14.26 -2.87 -2.39
CA GLU A 34 15.00 -3.86 -1.61
C GLU A 34 15.45 -3.32 -0.26
N PHE A 35 15.53 -2.00 -0.14
CA PHE A 35 15.98 -1.38 1.09
C PHE A 35 14.93 -0.60 1.87
N TYR A 36 13.93 -0.07 1.17
CA TYR A 36 12.89 0.74 1.81
C TYR A 36 11.50 0.12 1.97
N ILE A 37 10.89 0.38 3.12
CA ILE A 37 9.54 -0.10 3.43
C ILE A 37 8.65 1.11 3.68
N LEU A 38 7.37 1.00 3.32
CA LEU A 38 6.40 2.08 3.51
C LEU A 38 5.38 1.68 4.57
N THR A 39 5.27 2.46 5.63
CA THR A 39 4.32 2.15 6.69
C THR A 39 3.56 3.39 7.21
N ALA A 40 2.66 3.16 8.16
CA ALA A 40 1.91 4.26 8.75
C ALA A 40 2.80 4.93 9.77
N ALA A 41 2.79 6.25 9.79
CA ALA A 41 3.62 6.98 10.74
C ALA A 41 3.20 6.77 12.20
N HIS A 42 2.06 6.12 12.43
CA HIS A 42 1.59 5.91 13.80
C HIS A 42 1.85 4.50 14.33
N CYS A 43 2.60 3.69 13.58
CA CYS A 43 2.92 2.33 14.01
C CYS A 43 4.25 2.31 14.74
N LEU A 44 4.95 3.43 14.69
CA LEU A 44 6.23 3.58 15.35
C LEU A 44 5.99 4.01 16.79
N TYR A 45 4.95 3.43 17.38
CA TYR A 45 4.54 3.73 18.76
C TYR A 45 4.08 2.46 19.47
N GLN A 46 3.59 1.50 18.70
CA GLN A 46 3.09 0.24 19.23
C GLN A 46 4.21 -0.74 19.58
N ALA A 47 5.41 -0.21 19.79
CA ALA A 47 6.56 -1.05 20.14
C ALA A 47 7.76 -0.20 20.52
N LYS A 48 8.79 -0.86 21.05
CA LYS A 48 10.02 -0.17 21.46
C LYS A 48 11.10 -0.46 20.41
N ARG A 49 11.25 -1.73 20.06
CA ARG A 49 12.22 -2.17 19.07
C ARG A 49 11.52 -3.21 18.20
N PHE A 50 11.42 -2.94 16.89
CA PHE A 50 10.74 -3.87 15.99
C PHE A 50 11.54 -4.21 14.74
N LYS A 51 11.09 -5.28 14.08
CA LYS A 51 11.71 -5.78 12.84
C LYS A 51 10.62 -5.89 11.76
N VAL A 52 11.03 -6.13 10.51
CA VAL A 52 10.08 -6.28 9.43
C VAL A 52 10.22 -7.62 8.70
N ARG A 53 9.17 -8.43 8.76
CA ARG A 53 9.14 -9.72 8.11
C ARG A 53 8.60 -9.57 6.69
N VAL A 54 9.07 -10.41 5.77
CA VAL A 54 8.59 -10.37 4.40
C VAL A 54 8.56 -11.80 3.85
N GLY A 55 7.58 -12.09 2.98
CA GLY A 55 7.48 -13.40 2.40
C GLY A 55 6.65 -14.40 3.20
N ASP A 56 6.00 -13.93 4.25
CA ASP A 56 5.16 -14.79 5.10
C ASP A 56 3.68 -14.67 4.71
N ARG A 57 2.99 -15.80 4.53
CA ARG A 57 1.56 -15.77 4.18
C ARG A 57 0.76 -16.51 5.24
N ASN A 58 1.47 -17.07 6.21
CA ASN A 58 0.86 -17.85 7.29
C ASN A 58 1.71 -17.76 8.55
N THR A 59 1.25 -17.03 9.55
CA THR A 59 1.99 -16.89 10.80
C THR A 59 1.78 -18.04 11.78
N GLU A 60 2.51 -19.14 11.60
CA GLU A 60 2.41 -20.31 12.46
C GLU A 60 3.04 -21.55 11.82
N GLN A 61 2.88 -21.69 10.51
CA GLN A 61 3.44 -22.83 9.77
C GLN A 61 4.57 -22.34 8.88
N GLU A 62 5.80 -22.38 9.40
CA GLU A 62 6.99 -21.95 8.67
C GLU A 62 7.07 -22.46 7.23
N GLU A 63 6.49 -21.70 6.30
CA GLU A 63 6.48 -22.05 4.89
C GLU A 63 7.92 -22.30 4.43
N GLY A 64 8.64 -21.24 4.09
CA GLY A 64 10.01 -21.38 3.65
C GLY A 64 10.61 -20.07 3.16
N GLY A 65 9.83 -19.30 2.41
CA GLY A 65 10.30 -18.04 1.87
C GLY A 65 10.24 -16.82 2.78
N GLU A 66 10.18 -17.04 4.09
CA GLU A 66 10.13 -15.92 5.01
C GLU A 66 11.50 -15.28 5.09
N ALA A 67 11.59 -14.13 5.74
CA ALA A 67 12.85 -13.42 5.88
C ALA A 67 12.66 -12.19 6.79
N VAL A 68 13.48 -12.10 7.83
CA VAL A 68 13.40 -10.97 8.73
C VAL A 68 14.51 -9.97 8.41
N HIS A 69 14.18 -8.68 8.48
CA HIS A 69 15.13 -7.63 8.19
C HIS A 69 15.15 -6.64 9.33
N GLU A 70 16.30 -6.00 9.52
CA GLU A 70 16.42 -5.04 10.60
C GLU A 70 16.34 -3.62 10.09
N VAL A 71 15.69 -2.77 10.88
CA VAL A 71 15.50 -1.38 10.55
C VAL A 71 16.79 -0.60 10.77
N GLU A 72 17.28 0.05 9.73
CA GLU A 72 18.50 0.84 9.85
C GLU A 72 18.16 2.24 10.33
N VAL A 73 17.10 2.80 9.78
CA VAL A 73 16.63 4.14 10.16
C VAL A 73 15.16 4.27 9.88
N VAL A 74 14.51 5.07 10.71
CA VAL A 74 13.09 5.34 10.56
C VAL A 74 12.91 6.77 10.10
N ILE A 75 12.01 6.96 9.14
CA ILE A 75 11.72 8.28 8.62
C ILE A 75 10.25 8.59 8.89
N LYS A 76 9.97 9.09 10.09
CA LYS A 76 8.61 9.45 10.45
C LYS A 76 8.37 10.84 9.87
N HIS A 77 7.13 11.16 9.52
CA HIS A 77 6.83 12.46 8.94
C HIS A 77 6.81 13.56 10.00
N ASN A 78 7.41 14.67 9.65
CA ASN A 78 7.50 15.85 10.49
C ASN A 78 6.12 16.20 11.09
N ARG A 79 5.22 16.66 10.22
CA ARG A 79 3.88 17.08 10.60
C ARG A 79 2.95 16.10 11.29
N PHE A 80 3.26 14.81 11.29
CA PHE A 80 2.40 13.82 11.95
C PHE A 80 2.02 14.20 13.38
N THR A 81 0.86 13.72 13.83
CA THR A 81 0.38 13.98 15.18
C THR A 81 -0.74 13.02 15.52
N LYS A 82 -0.66 12.43 16.69
CA LYS A 82 -1.66 11.48 17.18
C LYS A 82 -3.04 12.12 17.32
N GLU A 83 -3.08 13.36 17.81
CA GLU A 83 -4.31 14.10 18.04
C GLU A 83 -5.27 14.13 16.87
N THR A 84 -4.76 14.20 15.65
CA THR A 84 -5.61 14.25 14.47
C THR A 84 -5.27 13.23 13.40
N TYR A 85 -4.25 12.42 13.64
CA TYR A 85 -3.81 11.42 12.69
C TYR A 85 -3.57 11.99 11.30
N ASP A 86 -3.04 13.20 11.23
CA ASP A 86 -2.76 13.79 9.93
C ASP A 86 -1.30 13.51 9.62
N PHE A 87 -1.05 13.12 8.38
CA PHE A 87 0.29 12.80 7.93
C PHE A 87 0.74 11.45 8.45
N ASP A 88 -0.16 10.48 8.35
CA ASP A 88 0.14 9.12 8.81
C ASP A 88 0.95 8.49 7.69
N ILE A 89 2.26 8.55 7.81
CA ILE A 89 3.16 7.99 6.80
C ILE A 89 4.64 8.07 7.19
N ALA A 90 5.34 6.95 7.11
CA ALA A 90 6.76 6.89 7.43
C ALA A 90 7.43 5.85 6.55
N VAL A 91 8.74 5.95 6.39
CA VAL A 91 9.48 4.98 5.58
C VAL A 91 10.66 4.40 6.33
N LEU A 92 10.78 3.08 6.28
CA LEU A 92 11.85 2.36 6.96
C LEU A 92 12.95 1.91 5.97
N ARG A 93 14.21 2.18 6.34
CA ARG A 93 15.35 1.77 5.53
C ARG A 93 15.94 0.54 6.18
N LEU A 94 15.97 -0.56 5.46
CA LEU A 94 16.49 -1.81 6.00
C LEU A 94 18.02 -1.90 5.86
N LYS A 95 18.63 -2.66 6.76
CA LYS A 95 20.08 -2.87 6.73
C LYS A 95 20.46 -3.79 5.57
N THR A 96 19.88 -4.97 5.55
CA THR A 96 20.14 -5.95 4.52
C THR A 96 19.05 -5.84 3.44
N PRO A 97 19.45 -5.77 2.17
CA PRO A 97 18.51 -5.66 1.06
C PRO A 97 17.56 -6.84 0.84
N ILE A 98 16.26 -6.55 0.77
CA ILE A 98 15.23 -7.58 0.57
C ILE A 98 15.50 -8.33 -0.74
N THR A 99 15.66 -9.64 -0.69
CA THR A 99 15.92 -10.42 -1.91
C THR A 99 14.63 -10.92 -2.53
N PHE A 100 14.23 -10.32 -3.65
CA PHE A 100 13.00 -10.72 -4.33
C PHE A 100 13.02 -12.15 -4.85
N ARG A 101 12.05 -12.92 -4.40
CA ARG A 101 11.89 -14.29 -4.82
C ARG A 101 10.38 -14.40 -4.95
N MET A 102 9.83 -15.59 -4.75
CA MET A 102 8.38 -15.74 -4.77
C MET A 102 7.89 -15.08 -3.49
N ASN A 103 6.66 -14.58 -3.52
CA ASN A 103 6.09 -13.93 -2.35
C ASN A 103 6.94 -12.78 -1.81
N VAL A 104 7.78 -12.20 -2.66
CA VAL A 104 8.60 -11.08 -2.26
C VAL A 104 9.01 -10.25 -3.47
N ALA A 105 8.23 -9.20 -3.72
CA ALA A 105 8.48 -8.28 -4.82
C ALA A 105 7.97 -6.92 -4.33
N PRO A 106 8.40 -5.83 -4.96
CA PRO A 106 7.93 -4.52 -4.53
C PRO A 106 6.73 -4.01 -5.34
N ALA A 107 6.02 -3.03 -4.80
CA ALA A 107 4.87 -2.44 -5.48
C ALA A 107 5.34 -1.16 -6.17
N CYS A 108 4.76 -0.85 -7.32
CA CYS A 108 5.19 0.33 -8.03
C CYS A 108 4.70 1.63 -7.39
N LEU A 109 5.50 2.67 -7.55
CA LEU A 109 5.16 4.01 -7.05
C LEU A 109 4.79 4.79 -8.30
N PRO A 110 3.51 5.23 -8.38
CA PRO A 110 3.01 5.99 -9.53
C PRO A 110 3.33 7.49 -9.51
N GLU A 111 3.11 8.13 -10.64
CA GLU A 111 3.30 9.57 -10.77
C GLU A 111 2.03 10.10 -10.11
N ARG A 112 2.08 11.29 -9.50
CA ARG A 112 0.91 11.85 -8.81
C ARG A 112 -0.32 12.18 -9.68
N ASP A 113 -0.16 13.06 -10.66
CA ASP A 113 -1.28 13.42 -11.51
C ASP A 113 -1.92 12.20 -12.19
N TRP A 114 -1.10 11.38 -12.84
CA TRP A 114 -1.59 10.18 -13.53
C TRP A 114 -2.31 9.25 -12.56
N ALA A 115 -1.83 9.21 -11.33
CA ALA A 115 -2.38 8.39 -10.27
C ALA A 115 -3.73 8.88 -9.81
N GLU A 116 -3.80 10.14 -9.38
CA GLU A 116 -5.07 10.71 -8.92
C GLU A 116 -6.08 10.66 -10.05
N SER A 117 -5.59 10.84 -11.26
CA SER A 117 -6.44 10.83 -12.43
C SER A 117 -6.98 9.43 -12.80
N THR A 118 -6.09 8.47 -12.99
CA THR A 118 -6.48 7.12 -13.40
C THR A 118 -6.51 6.02 -12.33
N LEU A 119 -5.74 6.18 -11.26
CA LEU A 119 -5.70 5.16 -10.20
C LEU A 119 -6.77 5.37 -9.14
N MET A 120 -7.00 6.61 -8.74
CA MET A 120 -7.99 6.85 -7.72
C MET A 120 -9.41 7.08 -8.27
N THR A 121 -9.53 6.99 -9.58
CA THR A 121 -10.83 7.14 -10.23
C THR A 121 -11.28 5.76 -10.68
N GLN A 122 -10.42 4.78 -10.39
CA GLN A 122 -10.65 3.37 -10.70
C GLN A 122 -11.80 2.98 -9.75
N LYS A 123 -12.47 1.86 -9.99
CA LYS A 123 -13.57 1.45 -9.11
C LYS A 123 -13.14 0.96 -7.73
N THR A 124 -12.33 -0.09 -7.67
CA THR A 124 -11.88 -0.63 -6.40
C THR A 124 -10.39 -0.42 -6.16
N GLY A 125 -9.93 -0.98 -5.06
CA GLY A 125 -8.53 -0.92 -4.67
C GLY A 125 -8.29 -2.11 -3.76
N ILE A 126 -7.05 -2.41 -3.43
CA ILE A 126 -6.81 -3.55 -2.57
C ILE A 126 -6.10 -3.22 -1.28
N VAL A 127 -6.62 -3.75 -0.19
CA VAL A 127 -6.01 -3.57 1.13
C VAL A 127 -5.72 -4.98 1.61
N SER A 128 -4.64 -5.14 2.39
CA SER A 128 -4.22 -6.43 2.91
C SER A 128 -3.42 -6.35 4.21
N GLY A 129 -3.46 -7.43 4.98
CA GLY A 129 -2.72 -7.49 6.23
C GLY A 129 -2.93 -8.79 6.99
N PHE A 130 -2.49 -8.80 8.24
CA PHE A 130 -2.62 -9.96 9.12
C PHE A 130 -3.54 -9.54 10.27
N GLY A 131 -4.16 -8.36 10.10
CA GLY A 131 -5.03 -7.80 11.11
C GLY A 131 -6.25 -8.58 11.51
N ARG A 132 -6.80 -8.20 12.67
CA ARG A 132 -7.98 -8.82 13.26
C ARG A 132 -9.05 -9.09 12.21
N THR A 133 -9.75 -10.21 12.33
CA THR A 133 -10.79 -10.54 11.37
C THR A 133 -12.20 -10.32 11.89
N HIS A 134 -12.32 -9.54 12.95
CA HIS A 134 -13.61 -9.24 13.55
C HIS A 134 -13.45 -8.41 14.82
N GLU A 135 -13.20 -7.11 14.63
CA GLU A 135 -13.01 -6.14 15.73
C GLU A 135 -12.50 -6.64 17.08
N LYS A 136 -13.31 -7.45 17.78
CA LYS A 136 -12.94 -7.97 19.09
C LYS A 136 -12.12 -9.27 19.04
N GLY A 137 -11.90 -9.79 17.84
CA GLY A 137 -11.17 -11.04 17.70
C GLY A 137 -9.65 -11.00 17.80
N ARG A 138 -9.07 -12.21 17.68
CA ARG A 138 -7.62 -12.41 17.74
C ARG A 138 -7.09 -12.09 16.36
N GLN A 139 -5.81 -11.72 16.29
CA GLN A 139 -5.21 -11.38 15.01
C GLN A 139 -5.31 -12.56 14.06
N SER A 140 -4.88 -12.38 12.80
CA SER A 140 -4.97 -13.45 11.83
C SER A 140 -3.67 -14.24 11.64
N THR A 141 -3.84 -15.47 11.18
CA THR A 141 -2.73 -16.37 10.93
C THR A 141 -2.29 -16.24 9.47
N ARG A 142 -3.26 -16.30 8.55
CA ARG A 142 -2.92 -16.18 7.15
C ARG A 142 -2.93 -14.71 6.73
N LEU A 143 -2.28 -14.42 5.60
CA LEU A 143 -2.25 -13.06 5.08
C LEU A 143 -3.47 -12.94 4.18
N LYS A 144 -4.14 -11.80 4.17
CA LYS A 144 -5.32 -11.67 3.33
C LYS A 144 -5.51 -10.32 2.63
N MET A 145 -6.38 -10.31 1.62
CA MET A 145 -6.67 -9.11 0.84
C MET A 145 -8.17 -8.85 0.74
N LEU A 146 -8.55 -7.57 0.69
CA LEU A 146 -9.95 -7.21 0.54
C LEU A 146 -10.07 -6.14 -0.52
N GLU A 147 -10.86 -6.43 -1.54
CA GLU A 147 -11.07 -5.48 -2.61
C GLU A 147 -12.05 -4.47 -2.01
N VAL A 148 -11.57 -3.28 -1.69
CA VAL A 148 -12.37 -2.23 -1.07
C VAL A 148 -12.56 -1.03 -1.99
N PRO A 149 -13.80 -0.77 -2.41
CA PRO A 149 -14.13 0.34 -3.30
C PRO A 149 -13.80 1.72 -2.75
N TYR A 150 -13.43 2.63 -3.66
CA TYR A 150 -13.11 4.00 -3.30
C TYR A 150 -14.45 4.61 -2.94
N VAL A 151 -14.43 5.53 -1.97
CA VAL A 151 -15.66 6.17 -1.52
C VAL A 151 -15.69 7.65 -1.92
N ASP A 152 -16.89 8.19 -2.13
CA ASP A 152 -17.03 9.59 -2.49
C ASP A 152 -16.54 10.41 -1.30
N ARG A 153 -15.57 11.27 -1.54
CA ARG A 153 -14.99 12.10 -0.49
C ARG A 153 -16.02 12.86 0.37
N ASN A 154 -17.16 13.21 -0.25
CA ASN A 154 -18.19 13.90 0.50
C ASN A 154 -18.80 12.96 1.52
N SER A 155 -19.35 11.84 1.05
CA SER A 155 -19.93 10.84 1.93
C SER A 155 -18.94 10.64 3.05
N CYS A 156 -17.71 10.35 2.65
CA CYS A 156 -16.58 10.13 3.54
C CYS A 156 -16.61 11.16 4.67
N LYS A 157 -16.55 12.44 4.29
CA LYS A 157 -16.56 13.54 5.24
C LYS A 157 -17.86 13.59 6.07
N LEU A 158 -18.96 13.14 5.48
CA LEU A 158 -20.22 13.14 6.19
C LEU A 158 -20.24 12.01 7.18
N SER A 159 -20.01 10.81 6.68
CA SER A 159 -19.98 9.61 7.50
C SER A 159 -18.96 9.67 8.65
N SER A 160 -17.91 10.47 8.48
CA SER A 160 -16.89 10.57 9.52
C SER A 160 -17.30 11.29 10.80
N SER A 161 -16.39 11.30 11.75
CA SER A 161 -16.56 11.95 13.06
C SER A 161 -15.28 12.69 13.33
N PHE A 162 -14.37 12.65 12.36
CA PHE A 162 -13.08 13.33 12.46
C PHE A 162 -12.72 13.99 11.13
N ILE A 163 -12.12 15.17 11.19
CA ILE A 163 -11.74 15.89 9.98
C ILE A 163 -10.94 15.04 9.00
N ILE A 164 -11.53 14.73 7.85
CA ILE A 164 -10.85 13.95 6.82
C ILE A 164 -10.00 14.85 5.94
N THR A 165 -8.78 15.13 6.37
CA THR A 165 -7.88 15.98 5.62
C THR A 165 -7.64 15.58 4.17
N GLN A 166 -6.75 16.33 3.52
CA GLN A 166 -6.42 16.13 2.12
C GLN A 166 -5.29 15.12 2.00
N ASN A 167 -4.78 14.69 3.15
CA ASN A 167 -3.72 13.70 3.18
C ASN A 167 -4.31 12.33 3.48
N MET A 168 -5.62 12.23 3.40
CA MET A 168 -6.28 10.97 3.66
C MET A 168 -7.50 10.78 2.78
N PHE A 169 -7.89 9.53 2.57
CA PHE A 169 -9.07 9.24 1.78
C PHE A 169 -9.80 8.03 2.34
N CYS A 170 -11.09 7.91 2.01
CA CYS A 170 -11.92 6.79 2.48
C CYS A 170 -12.00 5.72 1.41
N ALA A 171 -12.24 4.48 1.85
CA ALA A 171 -12.36 3.35 0.95
C ALA A 171 -13.06 2.27 1.74
N GLY A 172 -13.94 1.53 1.08
CA GLY A 172 -14.67 0.47 1.76
C GLY A 172 -16.14 0.35 1.39
N TYR A 173 -16.93 -0.07 2.36
CA TYR A 173 -18.36 -0.26 2.17
C TYR A 173 -19.14 0.42 3.29
N ASP A 174 -20.41 0.68 3.00
CA ASP A 174 -21.32 1.34 3.94
C ASP A 174 -21.94 0.32 4.90
N THR A 175 -22.40 -0.81 4.36
CA THR A 175 -23.01 -1.84 5.20
C THR A 175 -22.20 -3.13 5.34
N LYS A 176 -21.73 -3.68 4.23
CA LYS A 176 -20.96 -4.93 4.23
C LYS A 176 -20.00 -5.09 5.39
N GLN A 177 -19.74 -6.35 5.75
CA GLN A 177 -18.82 -6.62 6.83
C GLN A 177 -17.47 -7.00 6.24
N GLU A 178 -16.84 -6.01 5.63
CA GLU A 178 -15.52 -6.13 5.01
C GLU A 178 -14.81 -4.79 5.14
N ASP A 179 -13.74 -4.77 5.94
CA ASP A 179 -12.98 -3.56 6.20
C ASP A 179 -11.80 -3.84 7.14
N ALA A 180 -10.60 -3.50 6.71
CA ALA A 180 -9.37 -3.67 7.49
C ALA A 180 -9.60 -3.39 8.95
N CYS A 181 -9.08 -4.23 9.82
CA CYS A 181 -9.28 -4.04 11.25
C CYS A 181 -7.97 -3.80 12.00
N GLN A 182 -7.98 -3.95 13.32
CA GLN A 182 -6.75 -3.73 14.07
C GLN A 182 -5.62 -4.62 13.60
N GLY A 183 -4.42 -4.05 13.48
CA GLY A 183 -3.29 -4.84 13.06
C GLY A 183 -2.91 -4.67 11.61
N ASP A 184 -3.80 -4.04 10.84
CA ASP A 184 -3.56 -3.81 9.42
C ASP A 184 -2.87 -2.47 9.14
N SER A 185 -2.79 -1.60 10.14
CA SER A 185 -2.16 -0.28 10.02
C SER A 185 -0.85 -0.37 9.23
N GLY A 186 -0.45 0.75 8.61
CA GLY A 186 0.78 0.78 7.84
C GLY A 186 0.72 -0.14 6.63
N GLY A 187 -0.24 -1.07 6.65
CA GLY A 187 -0.40 -2.02 5.58
C GLY A 187 -0.48 -1.39 4.21
N PRO A 188 -0.46 -2.20 3.14
CA PRO A 188 -0.52 -1.65 1.78
C PRO A 188 -1.91 -1.47 1.19
N HIS A 189 -2.06 -0.40 0.41
CA HIS A 189 -3.30 -0.14 -0.31
C HIS A 189 -2.77 0.04 -1.71
N VAL A 190 -3.14 -0.87 -2.61
CA VAL A 190 -2.68 -0.74 -3.98
C VAL A 190 -3.86 -0.79 -4.94
N THR A 191 -3.71 -0.08 -6.05
CA THR A 191 -4.74 -0.05 -7.07
C THR A 191 -4.23 -0.92 -8.21
N ARG A 192 -5.12 -1.59 -8.93
CA ARG A 192 -4.69 -2.44 -10.03
C ARG A 192 -5.03 -1.84 -11.39
N PHE A 193 -4.02 -1.73 -12.23
CA PHE A 193 -4.20 -1.20 -13.58
C PHE A 193 -3.37 -2.00 -14.58
N LYS A 194 -4.05 -2.80 -15.39
CA LYS A 194 -3.39 -3.61 -16.41
C LYS A 194 -2.41 -4.65 -15.83
N ASP A 195 -2.87 -5.43 -14.86
CA ASP A 195 -2.05 -6.47 -14.25
C ASP A 195 -0.80 -5.99 -13.51
N THR A 196 -0.68 -4.69 -13.28
CA THR A 196 0.46 -4.14 -12.56
C THR A 196 -0.09 -3.21 -11.47
N TYR A 197 0.33 -3.44 -10.22
CA TYR A 197 -0.15 -2.64 -9.11
C TYR A 197 0.73 -1.45 -8.75
N PHE A 198 0.12 -0.46 -8.09
CA PHE A 198 0.80 0.75 -7.64
C PHE A 198 0.36 1.12 -6.24
N VAL A 199 1.28 1.59 -5.40
CA VAL A 199 0.92 1.97 -4.04
C VAL A 199 0.00 3.19 -4.14
N THR A 200 -1.10 3.18 -3.40
CA THR A 200 -1.99 4.33 -3.42
C THR A 200 -2.42 4.74 -2.03
N GLY A 201 -2.30 3.81 -1.07
CA GLY A 201 -2.70 4.13 0.29
C GLY A 201 -1.99 3.36 1.37
N ILE A 202 -2.09 3.85 2.59
CA ILE A 202 -1.48 3.24 3.77
C ILE A 202 -2.52 3.06 4.88
N VAL A 203 -3.03 1.85 5.08
CA VAL A 203 -4.01 1.63 6.15
C VAL A 203 -3.69 2.60 7.29
N SER A 204 -4.59 3.56 7.53
CA SER A 204 -4.34 4.57 8.57
C SER A 204 -5.16 4.41 9.85
N TRP A 205 -6.46 4.69 9.77
CA TRP A 205 -7.32 4.59 10.94
C TRP A 205 -8.74 4.36 10.49
N GLY A 206 -9.62 4.11 11.47
CA GLY A 206 -11.01 3.88 11.17
C GLY A 206 -11.84 3.77 12.42
N GLU A 207 -13.13 4.11 12.33
CA GLU A 207 -14.02 4.01 13.49
C GLU A 207 -14.56 2.58 13.56
N GLY A 208 -13.81 1.73 14.24
CA GLY A 208 -14.20 0.34 14.36
C GLY A 208 -13.81 -0.42 13.11
N CYS A 209 -14.49 -1.55 12.89
CA CYS A 209 -14.18 -2.36 11.72
C CYS A 209 -15.46 -2.73 11.00
N ALA A 210 -15.47 -2.47 9.70
CA ALA A 210 -16.63 -2.77 8.86
C ALA A 210 -17.94 -2.21 9.42
N ARG A 211 -17.85 -1.22 10.29
CA ARG A 211 -19.05 -0.62 10.89
C ARG A 211 -20.06 -0.05 9.91
N LYS A 212 -21.31 -0.05 10.37
CA LYS A 212 -22.43 0.46 9.62
C LYS A 212 -22.30 1.97 9.54
N GLY A 213 -22.28 2.48 8.31
CA GLY A 213 -22.19 3.92 8.11
C GLY A 213 -20.83 4.55 8.33
N LYS A 214 -19.81 3.72 8.47
CA LYS A 214 -18.45 4.19 8.67
C LYS A 214 -17.55 3.50 7.66
N TYR A 215 -16.48 4.17 7.28
CA TYR A 215 -15.55 3.63 6.30
C TYR A 215 -14.15 3.36 6.85
N GLY A 216 -13.23 3.06 5.93
CA GLY A 216 -11.87 2.77 6.30
C GLY A 216 -11.01 3.93 5.86
N ILE A 217 -10.27 4.53 6.78
CA ILE A 217 -9.45 5.67 6.40
C ILE A 217 -8.01 5.32 6.00
N TYR A 218 -7.61 5.76 4.80
CA TYR A 218 -6.27 5.50 4.31
C TYR A 218 -5.51 6.81 4.07
N THR A 219 -4.19 6.72 4.08
CA THR A 219 -3.33 7.87 3.87
C THR A 219 -3.19 8.05 2.36
N LYS A 220 -3.48 9.25 1.86
CA LYS A 220 -3.35 9.49 0.44
C LYS A 220 -1.87 9.43 0.06
N VAL A 221 -1.43 8.29 -0.47
CA VAL A 221 -0.04 8.13 -0.84
C VAL A 221 0.40 9.12 -1.90
N THR A 222 -0.50 9.49 -2.80
CA THR A 222 -0.18 10.44 -3.87
C THR A 222 0.21 11.78 -3.31
N ALA A 223 -0.32 12.08 -2.13
CA ALA A 223 -0.08 13.36 -1.46
C ALA A 223 1.25 13.39 -0.74
N PHE A 224 2.02 12.33 -0.84
CA PHE A 224 3.31 12.28 -0.17
C PHE A 224 4.42 11.75 -1.08
N LEU A 225 4.02 11.43 -2.30
CA LEU A 225 4.96 10.94 -3.29
C LEU A 225 6.32 11.64 -3.18
N LYS A 226 6.39 12.90 -3.60
CA LYS A 226 7.64 13.65 -3.55
C LYS A 226 8.39 13.47 -2.22
N TRP A 227 7.63 13.37 -1.13
CA TRP A 227 8.22 13.18 0.20
C TRP A 227 8.90 11.84 0.23
N ILE A 228 8.18 10.85 -0.28
CA ILE A 228 8.66 9.48 -0.34
C ILE A 228 9.96 9.39 -1.13
N ASP A 229 10.11 10.24 -2.13
CA ASP A 229 11.32 10.24 -2.92
C ASP A 229 12.56 10.65 -2.12
N ARG A 230 12.60 11.91 -1.67
CA ARG A 230 13.75 12.34 -0.90
C ARG A 230 13.81 11.64 0.45
N SER A 231 12.96 10.63 0.61
CA SER A 231 12.96 9.87 1.85
C SER A 231 13.72 8.59 1.52
N MET A 232 13.78 8.25 0.24
CA MET A 232 14.49 7.06 -0.21
C MET A 232 15.87 7.50 -0.69
N LYS A 233 16.02 8.81 -0.90
CA LYS A 233 17.30 9.39 -1.28
C LYS A 233 17.92 9.65 0.08
N THR A 234 17.17 9.26 1.12
CA THR A 234 17.55 9.41 2.53
C THR A 234 17.50 10.88 2.96
N ARG A 235 16.83 11.12 4.09
CA ARG A 235 16.69 12.47 4.63
C ARG A 235 15.84 12.47 5.90
N LYS B 44 -2.89 13.46 -28.39
CA LYS B 44 -3.25 13.67 -26.96
C LYS B 44 -4.53 12.91 -26.57
N LEU B 45 -4.87 13.01 -25.30
CA LEU B 45 -6.04 12.41 -24.71
C LEU B 45 -5.76 11.14 -23.92
N CYS B 46 -5.06 11.32 -22.80
CA CYS B 46 -4.76 10.24 -21.90
C CYS B 46 -6.12 10.00 -21.27
N SER B 47 -7.12 10.69 -21.80
CA SER B 47 -8.48 10.59 -21.32
C SER B 47 -9.19 9.44 -22.04
N LEU B 48 -8.80 9.24 -23.29
CA LEU B 48 -9.40 8.19 -24.12
C LEU B 48 -9.21 6.83 -23.46
N ASP B 49 -8.06 6.20 -23.65
CA ASP B 49 -7.80 4.92 -23.03
C ASP B 49 -6.36 4.96 -22.52
N ASN B 50 -6.16 5.79 -21.50
CA ASN B 50 -4.85 5.99 -20.92
C ASN B 50 -3.81 6.14 -22.01
N GLY B 51 -4.15 6.92 -23.03
CA GLY B 51 -3.25 7.14 -24.14
C GLY B 51 -2.87 5.83 -24.79
N ASP B 52 -3.52 4.74 -24.38
CA ASP B 52 -3.25 3.41 -24.90
C ASP B 52 -1.88 2.98 -24.39
N CYS B 53 -1.46 3.62 -23.32
CA CYS B 53 -0.19 3.35 -22.68
C CYS B 53 -0.26 2.08 -21.86
N ASP B 54 0.85 1.74 -21.21
CA ASP B 54 0.86 0.56 -20.34
C ASP B 54 0.80 1.08 -18.92
N GLN B 55 1.35 2.26 -18.71
CA GLN B 55 1.35 2.83 -17.38
C GLN B 55 1.10 4.33 -17.40
N PHE B 56 2.05 5.08 -16.86
CA PHE B 56 1.93 6.52 -16.82
C PHE B 56 1.62 7.06 -18.20
N CYS B 57 0.71 8.02 -18.26
CA CYS B 57 0.32 8.65 -19.52
C CYS B 57 0.34 10.17 -19.38
N HIS B 58 0.95 10.84 -20.35
CA HIS B 58 1.07 12.30 -20.31
C HIS B 58 0.65 12.99 -21.59
N GLU B 59 -0.28 13.94 -21.47
CA GLU B 59 -0.75 14.69 -22.63
C GLU B 59 0.26 15.81 -22.90
N GLU B 60 1.54 15.44 -22.89
CA GLU B 60 2.63 16.39 -23.15
C GLU B 60 2.25 17.14 -24.43
N GLN B 61 2.45 18.45 -24.41
CA GLN B 61 2.10 19.31 -25.55
C GLN B 61 0.83 18.85 -26.25
N ASN B 62 0.89 18.74 -27.56
CA ASN B 62 -0.28 18.34 -28.34
C ASN B 62 -0.56 16.84 -28.38
N SER B 63 0.48 16.02 -28.24
CA SER B 63 0.27 14.57 -28.30
C SER B 63 0.37 13.82 -26.98
N VAL B 64 0.28 12.49 -27.07
CA VAL B 64 0.34 11.62 -25.91
C VAL B 64 1.75 11.06 -25.70
N VAL B 65 2.18 10.97 -24.45
CA VAL B 65 3.50 10.45 -24.13
C VAL B 65 3.42 9.49 -22.97
N CYS B 66 3.69 8.22 -23.27
CA CYS B 66 3.65 7.16 -22.27
C CYS B 66 4.97 7.00 -21.54
N SER B 67 4.91 6.44 -20.34
CA SER B 67 6.10 6.20 -19.53
C SER B 67 5.77 5.13 -18.50
N CYS B 68 6.81 4.57 -17.87
CA CYS B 68 6.61 3.49 -16.90
C CYS B 68 7.19 3.81 -15.53
N ALA B 69 7.06 2.84 -14.61
CA ALA B 69 7.58 3.00 -13.27
C ALA B 69 9.04 2.62 -13.33
N ARG B 70 9.75 2.66 -12.20
CA ARG B 70 11.17 2.30 -12.18
C ARG B 70 11.33 0.79 -12.23
N GLY B 71 12.14 0.33 -13.16
CA GLY B 71 12.37 -1.09 -13.32
C GLY B 71 11.84 -1.48 -14.68
N TYR B 72 11.13 -0.56 -15.29
CA TYR B 72 10.59 -0.80 -16.60
C TYR B 72 11.31 0.08 -17.61
N THR B 73 11.00 -0.16 -18.89
CA THR B 73 11.54 0.59 -20.01
C THR B 73 10.43 0.59 -21.06
N LEU B 74 10.28 1.70 -21.77
CA LEU B 74 9.22 1.80 -22.74
C LEU B 74 9.62 1.09 -24.03
N ALA B 75 8.71 0.26 -24.54
CA ALA B 75 8.95 -0.51 -25.75
C ALA B 75 9.15 0.35 -26.97
N ASP B 76 9.59 -0.28 -28.05
CA ASP B 76 9.87 0.38 -29.31
C ASP B 76 8.65 1.11 -29.83
N ASN B 77 7.46 0.72 -29.36
CA ASN B 77 6.25 1.36 -29.83
C ASN B 77 5.78 2.53 -28.96
N GLY B 78 6.65 2.93 -28.03
CA GLY B 78 6.34 4.04 -27.15
C GLY B 78 5.05 3.92 -26.35
N LYS B 79 4.59 2.69 -26.14
CA LYS B 79 3.36 2.47 -25.40
C LYS B 79 3.46 1.39 -24.33
N ALA B 80 4.09 0.27 -24.68
CA ALA B 80 4.26 -0.85 -23.75
C ALA B 80 5.43 -0.67 -22.81
N CYS B 81 5.31 -1.25 -21.62
CA CYS B 81 6.36 -1.19 -20.61
C CYS B 81 6.88 -2.59 -20.40
N ILE B 82 8.19 -2.77 -20.56
CA ILE B 82 8.81 -4.10 -20.40
C ILE B 82 9.72 -4.15 -19.19
N PRO B 83 9.73 -5.29 -18.48
CA PRO B 83 10.59 -5.39 -17.29
C PRO B 83 12.06 -5.42 -17.71
N THR B 84 12.97 -5.28 -16.75
CA THR B 84 14.40 -5.34 -17.05
C THR B 84 15.07 -6.32 -16.09
N GLY B 85 14.37 -6.63 -15.01
CA GLY B 85 14.88 -7.57 -14.02
C GLY B 85 13.79 -8.60 -13.78
N PRO B 86 14.11 -9.73 -13.14
CA PRO B 86 13.13 -10.80 -12.86
C PRO B 86 12.05 -10.44 -11.85
N TYR B 87 12.26 -9.37 -11.09
CA TYR B 87 11.27 -8.97 -10.11
C TYR B 87 10.88 -7.48 -10.16
N PRO B 88 10.01 -7.13 -11.12
CA PRO B 88 9.48 -5.80 -11.41
C PRO B 88 8.37 -5.42 -10.42
N CYS B 89 8.37 -4.16 -10.01
CA CYS B 89 7.37 -3.69 -9.08
C CYS B 89 5.98 -3.89 -9.65
N GLY B 90 5.00 -4.10 -8.76
CA GLY B 90 3.63 -4.25 -9.20
C GLY B 90 3.17 -5.57 -9.78
N LYS B 91 4.10 -6.45 -10.14
CA LYS B 91 3.76 -7.74 -10.72
C LYS B 91 3.67 -8.82 -9.65
N GLN B 92 2.62 -9.60 -9.69
CA GLN B 92 2.44 -10.68 -8.72
C GLN B 92 3.44 -11.76 -9.09
N THR B 93 4.18 -12.25 -8.12
CA THR B 93 5.13 -13.31 -8.40
C THR B 93 4.30 -14.57 -8.58
N LEU B 94 4.23 -15.08 -9.79
CA LEU B 94 3.43 -16.28 -10.04
C LEU B 94 4.30 -17.50 -10.35
CA CA C . 5.39 -18.64 7.39
C1 XMG D . -10.10 4.54 16.68
S2 XMG D . -8.73 -0.96 15.01
O3 XMG D . -9.68 -2.16 15.07
C4 XMG D . -10.92 2.25 16.14
C5 XMG D . -10.57 0.91 15.46
N6 XMG D . -9.27 0.39 15.86
C7 XMG D . -8.42 2.70 16.32
C8 XMG D . -8.24 1.38 15.69
N9 XMG D . -9.80 3.23 16.06
O10 XMG D . -7.39 -1.19 15.65
C11 XMG D . -9.65 -0.45 12.49
C12 XMG D . -8.56 -0.42 13.39
C13 XMG D . -8.11 0.51 10.73
C14 XMG D . -7.02 0.53 11.66
C15 XMG D . -7.24 0.07 12.95
C16 XMG D . -9.49 0.01 11.17
CL17 XMG D . -8.65 1.50 6.92
C18 XMG D . -10.58 0.01 10.20
C19 XMG D . -7.93 0.95 9.42
C20 XMG D . -10.32 0.46 8.87
C21 XMG D . -8.99 0.94 8.49
C22 XMG D . -7.36 3.36 15.35
O23 XMG D . -7.83 3.48 14.18
O24 XMG D . -6.16 3.05 15.62
C25 XMG D . -8.95 11.58 13.75
N26 XMG D . -8.31 8.40 15.83
C27 XMG D . -8.56 9.80 15.46
C28 XMG D . -8.71 10.19 14.06
C29 XMG D . -8.14 7.95 17.28
C30 XMG D . -8.67 10.85 16.49
C31 XMG D . -8.20 7.31 14.77
C32 XMG D . -9.55 5.92 16.49
C33 XMG D . -8.61 6.50 17.61
N34 XMG D . -9.05 12.56 14.72
C35 XMG D . -8.91 12.19 16.06
C36 XMG D . -8.84 5.95 15.11
#